data_1F9F
#
_entry.id   1F9F
#
_cell.length_a   41.500
_cell.length_b   46.800
_cell.length_c   161.060
_cell.angle_alpha   90.00
_cell.angle_beta   90.00
_cell.angle_gamma   90.00
#
_symmetry.space_group_name_H-M   'P 21 21 21'
#
loop_
_entity.id
_entity.type
_entity.pdbx_description
1 polymer 'Regulatory protein E2'
2 non-polymer 'SULFATE ION'
3 water water
#
_entity_poly.entity_id   1
_entity_poly.type   'polypeptide(L)'
_entity_poly.pdbx_seq_one_letter_code
;GSHMTPIIHLKGDRNSLKCLRYRLRKHSDHYRDISSTWHWTGAGNEKTGILTVTYHSETQRTKFLNTVAIPDSVQILVGY
MTM
;
_entity_poly.pdbx_strand_id   A,B,C,D
#
loop_
_chem_comp.id
_chem_comp.type
_chem_comp.name
_chem_comp.formula
SO4 non-polymer 'SULFATE ION' 'O4 S -2'
#
# COMPACT_ATOMS: atom_id res chain seq x y z
N HIS A 3 -15.64 -15.67 8.25
CA HIS A 3 -14.16 -15.72 8.15
C HIS A 3 -13.72 -14.26 8.25
N MET A 4 -12.49 -14.05 8.69
CA MET A 4 -11.93 -12.71 8.80
C MET A 4 -11.42 -12.43 7.39
N THR A 5 -12.13 -11.55 6.71
CA THR A 5 -11.88 -11.20 5.32
C THR A 5 -11.08 -9.95 5.05
N PRO A 6 -10.14 -9.97 4.06
CA PRO A 6 -9.38 -8.77 3.81
C PRO A 6 -10.31 -7.79 3.07
N ILE A 7 -10.31 -6.55 3.52
CA ILE A 7 -11.12 -5.55 2.92
C ILE A 7 -10.31 -4.25 2.88
N ILE A 8 -10.96 -3.19 2.34
CA ILE A 8 -10.41 -1.85 2.45
C ILE A 8 -11.64 -1.01 2.66
N HIS A 9 -11.53 0.08 3.40
CA HIS A 9 -12.69 0.98 3.56
C HIS A 9 -12.16 2.26 2.83
N LEU A 10 -13.06 2.82 2.01
CA LEU A 10 -12.76 4.04 1.29
C LEU A 10 -13.63 5.01 2.05
N LYS A 11 -13.02 6.08 2.59
CA LYS A 11 -13.77 7.04 3.36
C LYS A 11 -13.67 8.47 2.75
N GLY A 12 -14.82 9.15 2.68
CA GLY A 12 -14.78 10.50 2.14
C GLY A 12 -16.18 11.04 1.93
N ASP A 13 -16.29 12.03 1.05
CA ASP A 13 -17.57 12.69 0.79
C ASP A 13 -18.63 11.69 0.35
N ARG A 14 -19.85 11.75 0.91
CA ARG A 14 -20.78 10.72 0.47
C ARG A 14 -21.02 10.68 -1.06
N ASN A 15 -21.05 11.86 -1.67
CA ASN A 15 -21.30 11.91 -3.09
C ASN A 15 -20.12 11.40 -3.88
N SER A 16 -18.90 11.76 -3.47
CA SER A 16 -17.72 11.31 -4.15
C SER A 16 -17.70 9.75 -4.10
N LEU A 17 -18.06 9.22 -2.93
CA LEU A 17 -18.08 7.79 -2.78
C LEU A 17 -19.16 7.09 -3.62
N LYS A 18 -20.32 7.73 -3.84
CA LYS A 18 -21.37 7.06 -4.59
C LYS A 18 -20.93 6.92 -6.04
N CYS A 19 -20.29 7.99 -6.50
CA CYS A 19 -19.77 7.99 -7.85
C CYS A 19 -18.60 7.02 -7.91
N LEU A 20 -17.71 7.03 -6.91
CA LEU A 20 -16.63 6.06 -7.00
C LEU A 20 -17.20 4.62 -7.07
N ARG A 21 -18.27 4.34 -6.28
CA ARG A 21 -18.85 2.98 -6.30
C ARG A 21 -19.32 2.61 -7.73
N TYR A 22 -19.98 3.54 -8.41
CA TYR A 22 -20.52 3.24 -9.79
C TYR A 22 -19.34 2.90 -10.73
N ARG A 23 -18.38 3.78 -10.64
CA ARG A 23 -17.17 3.67 -11.44
C ARG A 23 -16.45 2.35 -11.17
N LEU A 24 -16.26 1.98 -9.88
CA LEU A 24 -15.61 0.74 -9.58
C LEU A 24 -16.32 -0.46 -10.23
N ARG A 25 -17.65 -0.44 -10.11
CA ARG A 25 -18.56 -1.46 -10.59
C ARG A 25 -18.51 -1.54 -12.12
N LYS A 26 -18.48 -0.38 -12.74
CA LYS A 26 -18.48 -0.40 -14.20
C LYS A 26 -17.07 -0.57 -14.85
N HIS A 27 -16.03 -0.04 -14.24
CA HIS A 27 -14.75 -0.07 -14.93
C HIS A 27 -13.60 -0.86 -14.36
N SER A 28 -13.68 -1.28 -13.10
CA SER A 28 -12.56 -1.94 -12.41
C SER A 28 -12.76 -3.42 -12.06
N ASP A 29 -11.64 -4.09 -11.94
CA ASP A 29 -11.56 -5.55 -11.67
C ASP A 29 -10.81 -5.69 -10.32
N HIS A 30 -10.46 -6.91 -9.96
CA HIS A 30 -9.72 -7.17 -8.70
C HIS A 30 -10.43 -6.99 -7.37
N TYR A 31 -11.75 -7.20 -7.32
CA TYR A 31 -12.47 -7.17 -6.02
C TYR A 31 -13.61 -8.14 -6.03
N ARG A 32 -13.98 -8.60 -4.85
CA ARG A 32 -15.03 -9.55 -4.79
C ARG A 32 -16.40 -8.91 -4.70
N ASP A 33 -16.58 -7.99 -3.79
CA ASP A 33 -17.84 -7.28 -3.72
C ASP A 33 -17.50 -5.91 -3.22
N ILE A 34 -18.51 -5.05 -3.23
CA ILE A 34 -18.35 -3.70 -2.76
C ILE A 34 -19.71 -3.38 -2.21
N SER A 35 -19.67 -2.64 -1.12
CA SER A 35 -20.89 -2.25 -0.43
C SER A 35 -21.56 -0.99 -1.02
N SER A 36 -22.67 -0.63 -0.39
CA SER A 36 -23.41 0.55 -0.73
C SER A 36 -22.70 1.60 0.14
N THR A 37 -23.00 2.86 -0.06
CA THR A 37 -22.34 3.83 0.74
C THR A 37 -23.03 3.89 2.08
N TRP A 38 -22.23 3.76 3.15
CA TRP A 38 -22.79 3.76 4.48
C TRP A 38 -22.05 4.70 5.41
N HIS A 39 -22.57 4.87 6.61
CA HIS A 39 -21.89 5.71 7.60
C HIS A 39 -22.19 5.19 9.03
N TRP A 40 -21.40 5.66 10.01
CA TRP A 40 -21.66 5.27 11.39
C TRP A 40 -22.68 6.30 11.90
N GLU A 46 -24.90 14.82 7.78
CA GLU A 46 -23.60 14.15 7.65
C GLU A 46 -23.21 13.99 6.17
N LYS A 47 -22.02 14.50 5.86
CA LYS A 47 -21.56 14.48 4.46
C LYS A 47 -20.47 13.47 4.15
N THR A 48 -20.00 12.79 5.19
CA THR A 48 -18.94 11.79 5.09
C THR A 48 -19.54 10.38 5.12
N GLY A 49 -18.87 9.48 4.40
CA GLY A 49 -19.28 8.12 4.31
C GLY A 49 -18.08 7.18 4.16
N ILE A 50 -18.46 5.94 3.95
CA ILE A 50 -17.63 4.75 3.81
C ILE A 50 -18.13 3.77 2.74
N LEU A 51 -17.18 3.22 2.03
CA LEU A 51 -17.46 2.18 1.05
C LEU A 51 -16.56 0.97 1.40
N THR A 52 -17.14 -0.22 1.68
CA THR A 52 -16.29 -1.42 1.92
C THR A 52 -16.11 -2.26 0.66
N VAL A 53 -14.83 -2.59 0.36
CA VAL A 53 -14.57 -3.44 -0.77
C VAL A 53 -13.95 -4.74 -0.18
N THR A 54 -14.39 -5.89 -0.66
CA THR A 54 -13.90 -7.21 -0.14
C THR A 54 -13.08 -7.85 -1.25
N TYR A 55 -12.20 -8.75 -0.82
CA TYR A 55 -11.30 -9.47 -1.69
C TYR A 55 -11.31 -10.97 -1.32
N HIS A 56 -10.95 -11.79 -2.28
CA HIS A 56 -10.89 -13.24 -2.09
C HIS A 56 -9.54 -13.59 -1.49
N SER A 57 -8.60 -12.67 -1.59
CA SER A 57 -7.28 -12.94 -1.05
C SER A 57 -6.46 -11.66 -0.87
N GLU A 58 -5.32 -11.82 -0.25
CA GLU A 58 -4.38 -10.69 -0.05
C GLU A 58 -3.77 -10.37 -1.40
N THR A 59 -3.60 -11.38 -2.27
CA THR A 59 -3.03 -11.07 -3.56
C THR A 59 -4.08 -10.28 -4.37
N GLN A 60 -5.34 -10.67 -4.35
CA GLN A 60 -6.31 -9.83 -5.14
C GLN A 60 -6.29 -8.40 -4.59
N ARG A 61 -6.35 -8.24 -3.27
CA ARG A 61 -6.37 -6.87 -2.72
C ARG A 61 -5.14 -6.11 -3.16
N THR A 62 -4.00 -6.80 -3.24
CA THR A 62 -2.77 -6.07 -3.68
C THR A 62 -2.90 -5.63 -5.15
N LYS A 63 -3.42 -6.55 -5.98
CA LYS A 63 -3.62 -6.22 -7.43
C LYS A 63 -4.53 -4.98 -7.58
N PHE A 64 -5.59 -4.97 -6.77
CA PHE A 64 -6.56 -3.88 -6.75
C PHE A 64 -5.80 -2.56 -6.47
N LEU A 65 -5.03 -2.55 -5.38
CA LEU A 65 -4.31 -1.34 -4.96
C LEU A 65 -3.18 -0.92 -5.93
N ASN A 66 -2.71 -1.84 -6.76
CA ASN A 66 -1.63 -1.55 -7.75
C ASN A 66 -2.23 -1.08 -9.12
N THR A 67 -3.56 -1.09 -9.29
CA THR A 67 -4.15 -0.79 -10.64
C THR A 67 -5.46 -0.03 -10.71
N VAL A 68 -6.13 0.16 -9.59
CA VAL A 68 -7.43 0.80 -9.66
C VAL A 68 -7.23 2.19 -9.18
N ALA A 69 -7.62 3.15 -9.99
CA ALA A 69 -7.43 4.55 -9.63
C ALA A 69 -8.49 4.96 -8.60
N ILE A 70 -8.03 5.54 -7.49
CA ILE A 70 -8.89 6.04 -6.43
C ILE A 70 -8.49 7.52 -6.12
N PRO A 71 -9.48 8.42 -6.07
CA PRO A 71 -9.15 9.83 -5.77
C PRO A 71 -8.43 10.20 -4.48
N ASP A 72 -7.52 11.18 -4.60
CA ASP A 72 -6.76 11.65 -3.45
C ASP A 72 -7.66 12.01 -2.29
N SER A 73 -8.82 12.54 -2.60
CA SER A 73 -9.74 12.98 -1.53
C SER A 73 -10.37 11.81 -0.75
N VAL A 74 -10.19 10.61 -1.27
CA VAL A 74 -10.81 9.53 -0.54
C VAL A 74 -9.70 8.76 0.17
N GLN A 75 -9.87 8.56 1.46
CA GLN A 75 -8.85 7.86 2.15
C GLN A 75 -8.97 6.30 1.96
N ILE A 76 -7.85 5.59 1.86
CA ILE A 76 -7.94 4.15 1.67
C ILE A 76 -7.54 3.54 2.98
N LEU A 77 -8.44 2.82 3.67
CA LEU A 77 -7.95 2.15 4.89
C LEU A 77 -7.93 0.62 4.68
N VAL A 78 -6.76 0.01 4.75
CA VAL A 78 -6.67 -1.42 4.54
C VAL A 78 -7.02 -2.14 5.87
N GLY A 79 -7.71 -3.27 5.80
CA GLY A 79 -8.09 -3.89 7.07
C GLY A 79 -8.79 -5.24 6.87
N TYR A 80 -9.52 -5.67 7.87
CA TYR A 80 -10.16 -6.97 7.80
C TYR A 80 -11.44 -6.87 8.57
N MET A 81 -12.40 -7.71 8.21
CA MET A 81 -13.63 -7.84 8.94
C MET A 81 -14.26 -9.23 8.75
N THR A 82 -15.00 -9.67 9.77
CA THR A 82 -15.69 -10.94 9.78
C THR A 82 -16.83 -10.81 8.78
N MET A 83 -16.99 -11.81 7.92
CA MET A 83 -18.14 -11.88 7.02
C MET A 83 -18.20 -13.34 6.51
N SER B 2 -4.32 0.14 14.30
CA SER B 2 -5.64 -0.51 14.13
C SER B 2 -5.72 -1.63 15.11
N HIS B 3 -6.91 -1.79 15.66
CA HIS B 3 -7.18 -2.82 16.63
C HIS B 3 -8.35 -3.65 16.21
N MET B 4 -8.34 -4.93 16.61
CA MET B 4 -9.41 -5.83 16.32
C MET B 4 -10.54 -5.41 17.25
N THR B 5 -11.66 -4.89 16.71
CA THR B 5 -12.79 -4.43 17.51
C THR B 5 -13.91 -5.49 17.48
N PRO B 6 -14.51 -5.83 18.62
CA PRO B 6 -15.59 -6.83 18.61
C PRO B 6 -16.85 -6.18 17.93
N ILE B 7 -17.55 -6.94 17.10
CA ILE B 7 -18.76 -6.41 16.52
C ILE B 7 -19.77 -7.51 16.35
N ILE B 8 -20.95 -7.13 15.81
CA ILE B 8 -21.89 -8.14 15.34
C ILE B 8 -22.50 -7.54 14.04
N HIS B 9 -22.79 -8.38 13.07
CA HIS B 9 -23.51 -7.84 11.91
C HIS B 9 -24.94 -8.34 12.11
N LEU B 10 -25.95 -7.56 11.71
CA LEU B 10 -27.34 -8.09 11.81
C LEU B 10 -27.74 -8.05 10.35
N LYS B 11 -28.22 -9.16 9.80
CA LYS B 11 -28.62 -9.18 8.40
C LYS B 11 -30.08 -9.60 8.23
N GLY B 12 -30.82 -8.84 7.46
CA GLY B 12 -32.18 -9.26 7.28
C GLY B 12 -32.84 -8.29 6.41
N ASP B 13 -34.17 -8.35 6.39
CA ASP B 13 -35.03 -7.50 5.62
C ASP B 13 -34.73 -6.02 5.99
N ARG B 14 -34.54 -5.16 4.99
CA ARG B 14 -34.26 -3.76 5.30
C ARG B 14 -35.26 -3.06 6.27
N ASN B 15 -36.56 -3.29 6.11
CA ASN B 15 -37.60 -2.73 6.97
C ASN B 15 -37.32 -3.24 8.39
N SER B 16 -37.16 -4.54 8.49
CA SER B 16 -36.89 -5.12 9.81
C SER B 16 -35.71 -4.38 10.42
N LEU B 17 -34.59 -4.38 9.70
CA LEU B 17 -33.41 -3.69 10.19
C LEU B 17 -33.62 -2.21 10.55
N LYS B 18 -34.38 -1.49 9.75
CA LYS B 18 -34.56 -0.11 10.06
C LYS B 18 -35.32 0.03 11.39
N CYS B 19 -36.29 -0.83 11.58
CA CYS B 19 -37.05 -0.72 12.79
C CYS B 19 -36.20 -1.09 13.99
N LEU B 20 -35.51 -2.21 13.90
CA LEU B 20 -34.64 -2.68 14.97
C LEU B 20 -33.60 -1.62 15.31
N ARG B 21 -33.01 -1.04 14.27
CA ARG B 21 -32.00 0.02 14.45
C ARG B 21 -32.58 1.22 15.18
N TYR B 22 -33.84 1.53 14.90
CA TYR B 22 -34.45 2.67 15.58
C TYR B 22 -34.62 2.22 17.03
N ARG B 23 -35.14 1.02 17.24
CA ARG B 23 -35.25 0.55 18.65
C ARG B 23 -33.89 0.71 19.33
N LEU B 24 -32.92 -0.04 18.86
CA LEU B 24 -31.57 -0.04 19.44
C LEU B 24 -31.05 1.34 19.87
N ARG B 25 -31.19 2.33 18.98
CA ARG B 25 -30.74 3.68 19.19
C ARG B 25 -31.14 4.05 20.63
N LYS B 26 -32.10 3.35 21.23
CA LYS B 26 -32.69 3.38 22.60
C LYS B 26 -32.17 2.09 23.33
N HIS B 27 -30.92 2.14 23.79
CA HIS B 27 -30.22 1.03 24.46
C HIS B 27 -28.81 1.18 23.98
N SER B 28 -28.48 2.43 23.58
CA SER B 28 -27.18 2.86 23.03
C SER B 28 -26.16 2.73 24.13
N ASP B 29 -26.64 2.34 25.32
CA ASP B 29 -25.69 2.16 26.39
C ASP B 29 -24.89 0.93 26.11
N HIS B 30 -25.61 -0.10 25.70
CA HIS B 30 -25.02 -1.40 25.42
C HIS B 30 -24.13 -1.60 24.17
N TYR B 31 -23.86 -0.56 23.41
CA TYR B 31 -22.98 -0.66 22.23
C TYR B 31 -22.20 0.60 22.01
N ARG B 32 -21.10 0.45 21.26
CA ARG B 32 -20.30 1.58 20.96
C ARG B 32 -20.89 2.35 19.84
N ASP B 33 -20.90 1.80 18.63
CA ASP B 33 -21.56 2.50 17.52
C ASP B 33 -22.43 1.55 16.69
N ILE B 34 -23.13 2.12 15.71
CA ILE B 34 -24.04 1.32 14.90
C ILE B 34 -24.16 2.04 13.54
N SER B 35 -24.04 1.29 12.46
CA SER B 35 -24.08 1.88 11.16
C SER B 35 -25.48 2.15 10.63
N SER B 36 -25.53 2.79 9.46
CA SER B 36 -26.79 2.98 8.78
C SER B 36 -26.94 1.64 8.10
N THR B 37 -28.09 1.40 7.52
CA THR B 37 -28.31 0.13 6.86
C THR B 37 -27.61 0.07 5.50
N TRP B 38 -26.92 -1.03 5.19
CA TRP B 38 -26.21 -1.12 3.90
C TRP B 38 -26.36 -2.50 3.30
N HIS B 39 -25.79 -2.73 2.11
CA HIS B 39 -25.90 -4.05 1.46
C HIS B 39 -24.71 -4.21 0.44
N TRP B 40 -24.46 -5.46 0.05
CA TRP B 40 -23.43 -5.73 -0.91
C TRP B 40 -24.05 -5.50 -2.28
N THR B 41 -23.41 -4.69 -3.12
CA THR B 41 -23.98 -4.43 -4.43
C THR B 41 -23.55 -5.46 -5.44
N LYS B 47 -35.16 -6.13 0.26
CA LYS B 47 -33.71 -6.21 0.14
C LYS B 47 -32.93 -6.76 1.34
N THR B 48 -31.78 -7.36 1.07
CA THR B 48 -31.01 -7.89 2.15
C THR B 48 -29.99 -6.89 2.66
N GLY B 49 -30.44 -6.19 3.70
CA GLY B 49 -29.61 -5.19 4.33
C GLY B 49 -28.80 -5.81 5.43
N ILE B 50 -27.93 -4.93 5.96
CA ILE B 50 -26.98 -5.25 7.02
C ILE B 50 -26.79 -4.04 7.98
N LEU B 51 -26.62 -4.35 9.24
CA LEU B 51 -26.42 -3.32 10.20
C LEU B 51 -25.14 -3.80 10.91
N THR B 52 -24.14 -2.95 11.10
CA THR B 52 -22.96 -3.32 11.86
C THR B 52 -23.00 -2.58 13.22
N VAL B 53 -22.82 -3.29 14.34
CA VAL B 53 -22.80 -2.68 15.70
C VAL B 53 -21.40 -2.87 16.26
N THR B 54 -20.83 -1.86 16.89
CA THR B 54 -19.47 -2.04 17.44
C THR B 54 -19.52 -1.87 18.91
N TYR B 55 -18.49 -2.43 19.59
CA TYR B 55 -18.48 -2.44 21.02
C TYR B 55 -17.09 -2.09 21.52
N HIS B 56 -17.00 -1.58 22.74
CA HIS B 56 -15.66 -1.25 23.22
C HIS B 56 -15.02 -2.40 23.98
N SER B 57 -15.75 -3.53 24.13
CA SER B 57 -15.23 -4.73 24.78
C SER B 57 -16.12 -5.95 24.59
N GLU B 58 -15.57 -7.15 24.74
CA GLU B 58 -16.41 -8.34 24.57
C GLU B 58 -17.44 -8.39 25.69
N THR B 59 -17.08 -7.78 26.80
CA THR B 59 -17.99 -7.73 27.96
C THR B 59 -19.26 -7.06 27.52
N GLN B 60 -19.10 -5.84 27.00
CA GLN B 60 -20.22 -5.01 26.52
C GLN B 60 -21.05 -5.66 25.42
N ARG B 61 -20.41 -6.53 24.61
CA ARG B 61 -21.12 -7.19 23.53
C ARG B 61 -22.00 -8.25 24.10
N THR B 62 -21.42 -9.02 25.01
CA THR B 62 -22.16 -10.12 25.67
C THR B 62 -23.38 -9.57 26.43
N LYS B 63 -23.21 -8.38 27.00
CA LYS B 63 -24.29 -7.69 27.70
C LYS B 63 -25.41 -7.47 26.68
N PHE B 64 -25.08 -6.72 25.62
CA PHE B 64 -25.96 -6.38 24.49
C PHE B 64 -26.75 -7.60 24.07
N LEU B 65 -26.02 -8.65 23.69
CA LEU B 65 -26.68 -9.86 23.27
C LEU B 65 -27.57 -10.47 24.37
N ASN B 66 -27.34 -10.09 25.64
CA ASN B 66 -28.14 -10.69 26.73
C ASN B 66 -29.35 -9.87 27.17
N THR B 67 -29.48 -8.69 26.64
CA THR B 67 -30.58 -7.85 27.03
C THR B 67 -31.40 -7.47 25.81
N VAL B 68 -30.79 -7.51 24.60
CA VAL B 68 -31.54 -7.11 23.41
C VAL B 68 -32.29 -8.27 22.79
N ALA B 69 -33.47 -7.99 22.26
CA ALA B 69 -34.25 -8.99 21.58
C ALA B 69 -34.11 -8.82 20.05
N ILE B 70 -33.78 -9.90 19.37
CA ILE B 70 -33.64 -9.84 17.93
C ILE B 70 -34.60 -10.84 17.26
N PRO B 71 -35.35 -10.41 16.28
CA PRO B 71 -36.22 -11.40 15.64
C PRO B 71 -35.46 -12.53 14.98
N ASP B 72 -36.18 -13.64 14.75
CA ASP B 72 -35.56 -14.80 14.13
C ASP B 72 -35.25 -14.57 12.67
N SER B 73 -35.99 -13.72 12.01
CA SER B 73 -35.67 -13.48 10.63
C SER B 73 -34.43 -12.61 10.46
N VAL B 74 -33.89 -12.00 11.53
CA VAL B 74 -32.66 -11.18 11.44
C VAL B 74 -31.51 -12.04 11.87
N GLN B 75 -30.59 -12.39 10.95
CA GLN B 75 -29.45 -13.24 11.27
C GLN B 75 -28.37 -12.47 12.10
N ILE B 76 -27.96 -12.99 13.25
CA ILE B 76 -26.95 -12.30 14.04
C ILE B 76 -25.59 -12.93 13.65
N LEU B 77 -24.57 -12.14 13.32
CA LEU B 77 -23.29 -12.74 12.96
C LEU B 77 -22.25 -12.11 13.90
N VAL B 78 -21.65 -12.89 14.79
CA VAL B 78 -20.71 -12.30 15.76
C VAL B 78 -19.31 -12.37 15.16
N GLY B 79 -18.50 -11.32 15.36
CA GLY B 79 -17.18 -11.33 14.75
C GLY B 79 -16.37 -10.11 15.16
N TYR B 80 -15.44 -9.69 14.33
CA TYR B 80 -14.67 -8.55 14.68
C TYR B 80 -14.29 -7.87 13.40
N MET B 81 -13.72 -6.67 13.55
CA MET B 81 -13.24 -5.97 12.39
C MET B 81 -12.15 -5.00 12.87
N THR B 82 -11.21 -4.71 12.01
CA THR B 82 -10.13 -3.79 12.39
C THR B 82 -10.61 -2.37 12.26
N MET B 83 -10.11 -1.51 13.14
CA MET B 83 -10.38 -0.13 12.87
C MET B 83 -9.60 0.70 13.85
N SER C 2 23.29 6.23 7.96
CA SER C 2 23.37 6.50 6.46
C SER C 2 24.71 7.10 6.04
N HIS C 3 25.12 6.87 4.82
CA HIS C 3 26.39 7.38 4.43
C HIS C 3 26.32 7.55 2.90
N MET C 4 27.19 8.41 2.38
CA MET C 4 27.34 8.70 0.96
C MET C 4 28.22 7.51 0.44
N THR C 5 27.56 6.52 -0.07
CA THR C 5 28.17 5.24 -0.44
C THR C 5 28.69 5.18 -1.88
N PRO C 6 29.88 4.64 -2.06
CA PRO C 6 30.43 4.54 -3.40
C PRO C 6 29.74 3.38 -4.07
N ILE C 7 29.28 3.65 -5.28
CA ILE C 7 28.62 2.57 -6.03
C ILE C 7 29.06 2.70 -7.52
N ILE C 8 28.51 1.80 -8.32
CA ILE C 8 28.60 1.95 -9.74
C ILE C 8 27.21 1.55 -10.27
N HIS C 9 26.83 2.16 -11.39
CA HIS C 9 25.66 1.72 -12.05
C HIS C 9 26.16 1.12 -13.35
N LEU C 10 25.52 0.00 -13.67
CA LEU C 10 25.82 -0.72 -14.89
C LEU C 10 24.61 -0.58 -15.72
N LYS C 11 24.69 0.00 -16.92
CA LYS C 11 23.50 0.16 -17.75
C LYS C 11 23.63 -0.58 -19.07
N GLY C 12 22.51 -1.03 -19.61
CA GLY C 12 22.54 -1.74 -20.89
C GLY C 12 21.26 -2.49 -21.07
N ASP C 13 21.29 -3.36 -22.07
CA ASP C 13 20.18 -4.23 -22.34
C ASP C 13 19.73 -4.97 -21.06
N ARG C 14 18.41 -5.01 -20.74
CA ARG C 14 18.02 -5.68 -19.48
C ARG C 14 18.43 -7.10 -19.36
N ASN C 15 18.35 -7.82 -20.46
CA ASN C 15 18.76 -9.18 -20.38
C ASN C 15 20.28 -9.34 -20.24
N SER C 16 21.07 -8.49 -20.89
CA SER C 16 22.52 -8.64 -20.67
C SER C 16 22.81 -8.40 -19.19
N LEU C 17 22.07 -7.48 -18.54
CA LEU C 17 22.37 -7.18 -17.11
C LEU C 17 22.02 -8.37 -16.22
N LYS C 18 20.90 -9.03 -16.55
CA LYS C 18 20.38 -10.15 -15.79
C LYS C 18 21.44 -11.23 -15.84
N CYS C 19 21.95 -11.49 -17.05
CA CYS C 19 23.07 -12.44 -17.16
C CYS C 19 24.27 -11.91 -16.33
N LEU C 20 24.64 -10.63 -16.54
CA LEU C 20 25.80 -10.08 -15.82
C LEU C 20 25.60 -10.23 -14.35
N ARG C 21 24.37 -10.00 -13.88
CA ARG C 21 24.07 -10.15 -12.44
C ARG C 21 24.24 -11.58 -11.95
N TYR C 22 23.76 -12.54 -12.74
CA TYR C 22 23.92 -13.93 -12.30
C TYR C 22 25.40 -14.27 -12.18
N ARG C 23 26.21 -13.80 -13.09
CA ARG C 23 27.67 -14.09 -12.98
C ARG C 23 28.39 -13.36 -11.84
N LEU C 24 28.06 -12.12 -11.59
CA LEU C 24 28.71 -11.46 -10.49
C LEU C 24 28.26 -12.10 -9.20
N ARG C 25 27.05 -12.66 -9.12
CA ARG C 25 26.59 -13.27 -7.86
C ARG C 25 27.25 -14.61 -7.58
N LYS C 26 27.38 -15.36 -8.67
CA LYS C 26 28.01 -16.67 -8.68
C LYS C 26 29.48 -16.49 -8.40
N HIS C 27 30.07 -15.31 -8.55
CA HIS C 27 31.47 -15.21 -8.26
C HIS C 27 31.93 -14.06 -7.38
N SER C 28 30.99 -13.32 -6.80
CA SER C 28 31.29 -12.21 -5.88
C SER C 28 32.72 -11.69 -5.93
N ASP C 29 32.82 -10.40 -5.81
CA ASP C 29 34.10 -9.78 -5.92
C ASP C 29 34.44 -9.01 -4.73
N HIS C 30 34.98 -7.94 -5.26
CA HIS C 30 35.39 -6.82 -4.59
C HIS C 30 34.03 -6.11 -4.62
N TYR C 31 32.95 -6.75 -4.13
CA TYR C 31 31.73 -5.93 -3.92
C TYR C 31 30.90 -6.18 -2.62
N ARG C 32 30.15 -5.15 -2.13
CA ARG C 32 29.36 -5.37 -0.92
C ARG C 32 27.98 -5.90 -1.26
N ASP C 33 27.22 -5.18 -2.04
CA ASP C 33 25.93 -5.74 -2.41
C ASP C 33 25.61 -5.38 -3.85
N ILE C 34 24.65 -6.09 -4.42
CA ILE C 34 24.31 -5.79 -5.77
C ILE C 34 22.83 -5.83 -5.87
N SER C 35 22.29 -4.91 -6.67
CA SER C 35 20.83 -4.83 -6.82
C SER C 35 20.16 -5.84 -7.81
N SER C 36 18.82 -5.78 -7.88
CA SER C 36 18.08 -6.52 -8.88
C SER C 36 18.14 -5.58 -10.08
N THR C 37 17.84 -6.03 -11.29
CA THR C 37 17.84 -5.07 -12.43
C THR C 37 16.66 -4.12 -12.37
N TRP C 38 16.91 -2.78 -12.49
CA TRP C 38 15.79 -1.87 -12.41
C TRP C 38 15.81 -0.80 -13.52
N HIS C 39 14.86 0.12 -13.49
CA HIS C 39 14.91 1.17 -14.50
C HIS C 39 14.17 2.43 -13.98
N TRP C 40 14.38 3.57 -14.65
CA TRP C 40 13.69 4.79 -14.29
C TRP C 40 12.36 4.65 -14.97
N THR C 41 11.32 5.28 -14.41
CA THR C 41 9.97 5.28 -14.97
C THR C 41 9.99 6.45 -15.96
N THR C 48 16.41 -1.79 -21.73
CA THR C 48 17.37 -0.88 -21.07
C THR C 48 17.16 -0.94 -19.53
N GLY C 49 18.15 -1.44 -18.81
CA GLY C 49 18.05 -1.56 -17.36
C GLY C 49 19.27 -0.96 -16.69
N ILE C 50 19.34 -1.14 -15.39
CA ILE C 50 20.41 -0.63 -14.57
C ILE C 50 20.61 -1.65 -13.46
N LEU C 51 21.87 -1.88 -13.09
CA LEU C 51 22.23 -2.77 -11.98
C LEU C 51 23.10 -1.83 -11.13
N THR C 52 22.83 -1.73 -9.83
CA THR C 52 23.64 -0.91 -8.96
C THR C 52 24.51 -1.80 -8.10
N VAL C 53 25.84 -1.52 -8.02
CA VAL C 53 26.68 -2.30 -7.20
C VAL C 53 27.26 -1.36 -6.13
N THR C 54 27.25 -1.84 -4.90
CA THR C 54 27.79 -1.03 -3.77
C THR C 54 29.07 -1.70 -3.22
N TYR C 55 29.85 -0.85 -2.57
CA TYR C 55 31.17 -1.24 -2.00
C TYR C 55 31.36 -0.72 -0.56
N HIS C 56 32.30 -1.33 0.16
CA HIS C 56 32.53 -0.89 1.53
C HIS C 56 33.59 0.22 1.56
N SER C 57 34.14 0.54 0.40
CA SER C 57 35.14 1.59 0.28
C SER C 57 35.46 1.85 -1.19
N GLU C 58 36.01 3.01 -1.50
CA GLU C 58 36.39 3.32 -2.90
C GLU C 58 37.53 2.38 -3.39
N THR C 59 38.29 1.88 -2.46
CA THR C 59 39.35 0.97 -2.74
C THR C 59 38.81 -0.32 -3.31
N GLN C 60 37.81 -0.90 -2.65
CA GLN C 60 37.20 -2.17 -3.11
C GLN C 60 36.63 -1.96 -4.53
N ARG C 61 35.91 -0.85 -4.72
CA ARG C 61 35.31 -0.51 -6.07
C ARG C 61 36.40 -0.38 -7.19
N THR C 62 37.55 0.26 -6.87
CA THR C 62 38.64 0.39 -7.83
C THR C 62 39.20 -1.04 -8.17
N LYS C 63 39.35 -1.87 -7.17
CA LYS C 63 39.80 -3.25 -7.40
C LYS C 63 38.75 -4.03 -8.26
N PHE C 64 37.45 -3.73 -8.07
CA PHE C 64 36.35 -4.36 -8.81
C PHE C 64 36.40 -3.85 -10.24
N LEU C 65 36.61 -2.56 -10.41
CA LEU C 65 36.70 -2.00 -11.73
C LEU C 65 37.94 -2.55 -12.51
N ASN C 66 38.95 -2.94 -11.77
CA ASN C 66 40.14 -3.42 -12.44
C ASN C 66 40.12 -4.91 -12.76
N THR C 67 39.48 -5.69 -11.92
CA THR C 67 39.59 -7.11 -12.12
C THR C 67 38.34 -7.87 -12.54
N VAL C 68 37.18 -7.21 -12.60
CA VAL C 68 35.96 -7.95 -12.97
C VAL C 68 35.61 -7.74 -14.38
N ALA C 69 35.29 -8.81 -15.09
CA ALA C 69 35.01 -8.60 -16.53
C ALA C 69 33.67 -8.04 -16.66
N ILE C 70 33.54 -7.01 -17.48
CA ILE C 70 32.26 -6.36 -17.76
C ILE C 70 32.13 -6.28 -19.25
N PRO C 71 31.00 -6.73 -19.83
CA PRO C 71 30.72 -6.69 -21.27
C PRO C 71 30.91 -5.30 -21.79
N ASP C 72 31.48 -5.15 -23.01
CA ASP C 72 31.70 -3.81 -23.58
C ASP C 72 30.35 -3.18 -23.93
N SER C 73 29.33 -4.00 -24.02
CA SER C 73 28.05 -3.39 -24.39
C SER C 73 27.35 -2.68 -23.17
N VAL C 74 27.81 -3.01 -21.97
CA VAL C 74 27.28 -2.47 -20.72
C VAL C 74 28.10 -1.23 -20.27
N GLN C 75 27.43 -0.11 -20.07
CA GLN C 75 28.05 1.13 -19.65
C GLN C 75 28.35 1.18 -18.12
N ILE C 76 29.55 1.59 -17.76
CA ILE C 76 29.98 1.65 -16.33
C ILE C 76 29.96 3.10 -15.89
N LEU C 77 29.10 3.40 -14.93
CA LEU C 77 29.00 4.75 -14.45
C LEU C 77 29.37 4.70 -13.02
N VAL C 78 30.40 5.45 -12.67
CA VAL C 78 30.87 5.42 -11.31
C VAL C 78 30.15 6.56 -10.57
N GLY C 79 29.78 6.31 -9.31
CA GLY C 79 29.11 7.36 -8.57
C GLY C 79 28.91 7.07 -7.08
N TYR C 80 27.96 7.78 -6.47
CA TYR C 80 27.71 7.58 -5.06
C TYR C 80 26.22 7.70 -4.77
N MET C 81 25.82 7.18 -3.63
CA MET C 81 24.45 7.46 -3.25
C MET C 81 24.23 7.24 -1.79
N THR C 82 23.33 8.04 -1.21
CA THR C 82 23.05 7.85 0.23
C THR C 82 22.38 6.51 0.48
N MET C 83 22.84 5.83 1.50
CA MET C 83 22.20 4.60 1.85
C MET C 83 22.42 4.31 3.37
N SER D 2 27.50 12.31 -11.57
CA SER D 2 27.90 13.71 -11.82
C SER D 2 27.20 14.71 -10.90
N HIS D 3 26.03 15.18 -11.29
CA HIS D 3 25.36 16.18 -10.48
C HIS D 3 24.78 15.52 -9.20
N MET D 4 24.97 16.19 -8.06
CA MET D 4 24.47 15.64 -6.77
C MET D 4 22.98 15.93 -6.83
N THR D 5 22.20 14.90 -7.01
CA THR D 5 20.78 15.08 -7.12
C THR D 5 20.07 14.68 -5.83
N PRO D 6 19.18 15.56 -5.35
CA PRO D 6 18.40 15.33 -4.16
C PRO D 6 17.50 14.10 -4.44
N ILE D 7 17.45 13.14 -3.49
CA ILE D 7 16.50 12.03 -3.65
C ILE D 7 15.82 11.67 -2.29
N ILE D 8 14.98 10.65 -2.39
CA ILE D 8 14.46 9.94 -1.20
C ILE D 8 14.41 8.49 -1.62
N HIS D 9 14.64 7.58 -0.67
CA HIS D 9 14.43 6.17 -0.93
C HIS D 9 13.18 5.83 -0.11
N LEU D 10 12.16 5.24 -0.73
CA LEU D 10 10.93 4.79 -0.01
C LEU D 10 11.16 3.32 0.20
N LYS D 11 11.14 2.83 1.45
CA LYS D 11 11.45 1.38 1.69
C LYS D 11 10.41 0.65 2.49
N GLY D 12 10.04 -0.55 2.02
CA GLY D 12 9.10 -1.35 2.78
C GLY D 12 8.67 -2.55 1.96
N ASP D 13 7.56 -3.07 2.33
CA ASP D 13 7.00 -4.28 1.64
C ASP D 13 6.93 -4.02 0.12
N ARG D 14 7.36 -4.99 -0.68
CA ARG D 14 7.33 -4.78 -2.16
C ARG D 14 5.94 -4.41 -2.70
N ASN D 15 4.93 -5.04 -2.16
CA ASN D 15 3.60 -4.82 -2.60
C ASN D 15 3.11 -3.45 -2.34
N SER D 16 3.40 -2.97 -1.16
CA SER D 16 3.00 -1.61 -0.79
C SER D 16 3.70 -0.61 -1.68
N LEU D 17 4.95 -0.92 -2.01
CA LEU D 17 5.71 -0.01 -2.89
C LEU D 17 5.19 -0.02 -4.31
N LYS D 18 4.77 -1.18 -4.80
CA LYS D 18 4.20 -1.21 -6.13
C LYS D 18 2.94 -0.38 -6.16
N CYS D 19 2.17 -0.44 -5.10
CA CYS D 19 0.93 0.33 -5.05
C CYS D 19 1.25 1.78 -5.02
N LEU D 20 2.19 2.11 -4.13
CA LEU D 20 2.66 3.50 -3.90
C LEU D 20 3.19 4.10 -5.20
N ARG D 21 4.00 3.31 -5.91
CA ARG D 21 4.56 3.80 -7.19
C ARG D 21 3.44 4.14 -8.14
N TYR D 22 2.50 3.22 -8.21
CA TYR D 22 1.34 3.44 -9.15
C TYR D 22 0.60 4.75 -8.74
N ARG D 23 0.39 4.92 -7.44
CA ARG D 23 -0.31 6.13 -6.97
C ARG D 23 0.52 7.36 -7.31
N LEU D 24 1.79 7.32 -6.97
CA LEU D 24 2.65 8.47 -7.27
C LEU D 24 2.66 8.84 -8.75
N ARG D 25 2.68 7.87 -9.67
CA ARG D 25 2.76 8.24 -11.05
C ARG D 25 1.55 8.91 -11.57
N LYS D 26 0.40 8.71 -10.92
CA LYS D 26 -0.85 9.31 -11.38
C LYS D 26 -0.69 10.79 -11.34
N HIS D 27 -0.09 11.28 -10.27
CA HIS D 27 0.09 12.70 -10.13
C HIS D 27 1.33 13.03 -10.92
N SER D 28 2.44 12.42 -10.54
CA SER D 28 3.71 12.64 -11.24
C SER D 28 3.98 14.07 -10.95
N ASP D 29 3.47 14.48 -9.80
CA ASP D 29 3.71 15.88 -9.42
C ASP D 29 4.78 16.05 -8.36
N HIS D 30 5.53 17.09 -8.56
CA HIS D 30 6.59 17.40 -7.65
C HIS D 30 7.71 16.44 -7.59
N TYR D 31 7.98 15.71 -8.69
CA TYR D 31 9.23 14.94 -8.71
C TYR D 31 9.77 14.89 -10.14
N ARG D 32 11.05 14.62 -10.26
CA ARG D 32 11.68 14.55 -11.56
C ARG D 32 11.51 13.11 -12.08
N ASP D 33 12.06 12.13 -11.34
CA ASP D 33 11.85 10.76 -11.80
C ASP D 33 11.67 9.81 -10.65
N ILE D 34 11.17 8.58 -10.96
CA ILE D 34 10.93 7.60 -9.88
C ILE D 34 11.28 6.25 -10.51
N SER D 35 11.97 5.42 -9.74
CA SER D 35 12.39 4.08 -10.24
C SER D 35 11.27 3.05 -10.20
N SER D 36 11.55 1.90 -10.84
CA SER D 36 10.66 0.79 -10.72
C SER D 36 11.01 0.32 -9.26
N THR D 37 10.25 -0.61 -8.64
CA THR D 37 10.55 -1.07 -7.28
C THR D 37 11.73 -2.02 -7.36
N TRP D 38 12.79 -1.75 -6.63
CA TRP D 38 13.95 -2.57 -6.73
C TRP D 38 14.39 -3.06 -5.39
N HIS D 39 15.46 -3.87 -5.33
CA HIS D 39 15.91 -4.44 -4.03
C HIS D 39 17.36 -4.88 -4.11
N TRP D 40 17.94 -5.13 -2.97
CA TRP D 40 19.29 -5.63 -2.94
C TRP D 40 19.18 -7.16 -2.98
N THR D 41 20.27 -7.74 -3.44
CA THR D 41 20.39 -9.18 -3.59
C THR D 41 20.61 -9.77 -2.20
N GLY D 42 21.34 -9.07 -1.37
CA GLY D 42 21.54 -9.67 -0.07
C GLY D 42 20.65 -9.05 0.97
N ALA D 43 20.98 -7.81 1.23
CA ALA D 43 20.19 -7.12 2.18
C ALA D 43 18.67 -7.14 1.86
N GLY D 44 17.83 -7.37 2.86
CA GLY D 44 16.39 -7.41 2.64
C GLY D 44 15.73 -8.80 2.77
N ASN D 45 16.64 -9.79 2.63
CA ASN D 45 16.29 -11.23 2.70
C ASN D 45 15.21 -11.51 1.74
N GLU D 46 15.26 -10.81 0.60
CA GLU D 46 14.30 -10.89 -0.51
C GLU D 46 12.84 -10.62 -0.13
N LYS D 47 12.62 -9.84 0.96
CA LYS D 47 11.26 -9.55 1.38
C LYS D 47 10.98 -8.04 1.49
N THR D 48 11.91 -7.19 1.02
CA THR D 48 11.72 -5.72 1.01
C THR D 48 11.98 -5.16 -0.43
N GLY D 49 11.48 -3.94 -0.60
CA GLY D 49 11.65 -3.17 -1.82
C GLY D 49 12.09 -1.71 -1.53
N ILE D 50 12.54 -1.05 -2.60
CA ILE D 50 12.99 0.30 -2.55
C ILE D 50 12.43 1.00 -3.78
N LEU D 51 11.91 2.19 -3.55
CA LEU D 51 11.54 3.02 -4.68
C LEU D 51 12.44 4.30 -4.51
N THR D 52 13.15 4.70 -5.57
CA THR D 52 13.98 5.90 -5.54
C THR D 52 13.27 7.01 -6.31
N VAL D 53 13.11 8.18 -5.69
CA VAL D 53 12.47 9.33 -6.38
C VAL D 53 13.55 10.40 -6.42
N THR D 54 13.72 11.07 -7.55
CA THR D 54 14.76 12.08 -7.67
C THR D 54 14.03 13.44 -7.83
N TYR D 55 14.76 14.51 -7.59
CA TYR D 55 14.07 15.82 -7.76
C TYR D 55 15.05 16.79 -8.49
N HIS D 56 14.57 17.91 -9.08
CA HIS D 56 15.52 18.83 -9.71
C HIS D 56 16.00 19.89 -8.68
N SER D 57 15.45 19.87 -7.45
CA SER D 57 15.90 20.78 -6.35
C SER D 57 15.47 20.29 -4.96
N GLU D 58 16.15 20.74 -3.91
CA GLU D 58 15.67 20.40 -2.57
C GLU D 58 14.28 21.02 -2.28
N THR D 59 13.96 22.22 -2.85
CA THR D 59 12.65 22.76 -2.55
C THR D 59 11.53 21.88 -3.23
N GLN D 60 11.80 21.34 -4.41
CA GLN D 60 10.82 20.46 -5.07
C GLN D 60 10.63 19.22 -4.11
N ARG D 61 11.73 18.66 -3.59
CA ARG D 61 11.59 17.58 -2.66
C ARG D 61 10.73 17.92 -1.45
N THR D 62 11.02 19.07 -0.84
CA THR D 62 10.23 19.52 0.32
C THR D 62 8.74 19.65 -0.07
N LYS D 63 8.44 20.20 -1.27
CA LYS D 63 7.06 20.33 -1.67
C LYS D 63 6.36 18.98 -1.90
N PHE D 64 7.15 18.05 -2.42
CA PHE D 64 6.63 16.61 -2.63
C PHE D 64 6.26 16.04 -1.19
N LEU D 65 7.19 16.20 -0.24
CA LEU D 65 6.98 15.63 1.13
C LEU D 65 5.77 16.30 1.81
N ASN D 66 5.56 17.59 1.52
CA ASN D 66 4.42 18.30 2.10
C ASN D 66 3.11 18.13 1.35
N THR D 67 3.09 17.58 0.17
CA THR D 67 1.82 17.45 -0.55
C THR D 67 1.41 16.03 -0.91
N VAL D 68 2.35 15.08 -0.85
CA VAL D 68 2.02 13.73 -1.24
C VAL D 68 1.97 12.89 0.03
N ALA D 69 0.98 11.99 0.11
CA ALA D 69 0.75 11.16 1.30
C ALA D 69 1.49 9.88 1.19
N ILE D 70 2.49 9.62 2.04
CA ILE D 70 3.08 8.32 1.89
C ILE D 70 2.64 7.49 3.16
N PRO D 71 2.29 6.17 3.00
CA PRO D 71 1.82 5.30 4.09
C PRO D 71 2.76 5.33 5.27
N ASP D 72 2.19 5.31 6.51
CA ASP D 72 3.10 5.32 7.68
C ASP D 72 3.90 4.03 7.73
N SER D 73 3.50 3.06 6.95
CA SER D 73 4.24 1.81 6.97
C SER D 73 5.46 1.85 6.05
N VAL D 74 5.70 2.96 5.39
CA VAL D 74 6.76 3.09 4.44
C VAL D 74 7.79 4.05 4.99
N GLN D 75 9.04 3.59 4.98
CA GLN D 75 10.14 4.33 5.49
C GLN D 75 10.65 5.34 4.45
N ILE D 76 10.89 6.56 4.89
CA ILE D 76 11.42 7.60 3.99
C ILE D 76 12.86 7.94 4.38
N LEU D 77 13.80 7.80 3.45
CA LEU D 77 15.24 8.08 3.72
C LEU D 77 15.58 9.17 2.74
N VAL D 78 16.01 10.31 3.28
CA VAL D 78 16.26 11.43 2.44
C VAL D 78 17.79 11.43 2.19
N GLY D 79 18.27 11.80 0.96
CA GLY D 79 19.71 11.80 0.76
C GLY D 79 20.02 12.34 -0.59
N TYR D 80 21.17 11.94 -1.19
CA TYR D 80 21.53 12.40 -2.54
C TYR D 80 22.09 11.27 -3.38
N MET D 81 22.17 11.49 -4.69
CA MET D 81 22.83 10.45 -5.59
C MET D 81 23.37 11.23 -6.81
N THR D 82 24.56 10.83 -7.31
CA THR D 82 25.12 11.43 -8.51
C THR D 82 24.24 10.95 -9.67
N MET D 83 23.81 11.86 -10.56
CA MET D 83 23.05 11.52 -11.76
C MET D 83 23.61 12.41 -12.90
S SO4 E . 17.09 -9.28 -12.66
O1 SO4 E . 15.78 -9.34 -13.32
O2 SO4 E . 17.52 -10.67 -12.35
O3 SO4 E . 16.99 -8.50 -11.42
O4 SO4 E . 18.04 -8.64 -13.59
S SO4 F . 6.80 -2.05 -9.67
O1 SO4 F . 6.52 -1.32 -8.47
O2 SO4 F . 5.86 -1.76 -10.77
O3 SO4 F . 6.74 -3.45 -9.21
O4 SO4 F . 8.19 -1.72 -10.14
#